data_8X63
#
_entry.id   8X63
#
_cell.length_a   1.00
_cell.length_b   1.00
_cell.length_c   1.00
_cell.angle_alpha   90.00
_cell.angle_beta   90.00
_cell.angle_gamma   90.00
#
_symmetry.space_group_name_H-M   'P 1'
#
loop_
_entity.id
_entity.type
_entity.pdbx_description
1 polymer 'Histamine H1 receptor,Soluble cytochrome b562'
2 non-polymer mepyramine
#
_entity_poly.entity_id   1
_entity_poly.type   'polypeptide(L)'
_entity_poly.pdbx_seq_one_letter_code
;DYKDDDDKTTMASPQLMPLVVVLSTICLVTVGLNLLVLYAVRSERKLHTVGNLYIVSLSVADLIVGAVVMPMNILYLLMS
KWSLGRPLCLFWLSMDYVASTASIFSVFILCIDRYRSVQQPLRYLKYRTKTRASATILGAWFLSFLWVIPILGWNHFMQQ
TSVRREDKCETDFYDVTWFKVMTAIINFYLPTLLMLWFYAKIYKAVKRQLADLEDNWETLNDNLKVIEKADNAAQVKDAL
TKMRAAALDAQKASGSGSPEMKDFRHGFDILVGQIDDALKLANEGKVKEAQAAAEQLKTTRNAYIQKYLKFCNRERKAAK
QLGFIMAAFILCWIPYFIFFMVIAFCKNCCNEHLHMFTIWLGYINSTLNPLIYPLCNENFKKTFKRILKIAALKEKIAAL
KEKIAALKEAEEKRASRLEEELRRRLTEGSHHHHHHHH
;
_entity_poly.pdbx_strand_id   B
#
# COMPACT_ATOMS: atom_id res chain seq x y z
N SER A 13 30.20 3.12 0.27
CA SER A 13 31.11 4.16 0.70
C SER A 13 30.82 4.57 2.14
N PRO A 14 31.88 4.84 2.93
CA PRO A 14 31.72 5.12 4.36
C PRO A 14 31.19 6.52 4.66
N GLN A 15 30.14 6.92 3.94
CA GLN A 15 29.40 8.13 4.26
C GLN A 15 27.90 7.94 4.17
N LEU A 16 27.44 6.83 3.59
CA LEU A 16 26.02 6.55 3.47
C LEU A 16 25.51 5.62 4.57
N MET A 17 26.40 5.15 5.45
CA MET A 17 25.96 4.37 6.61
C MET A 17 24.97 5.10 7.50
N PRO A 18 25.13 6.41 7.81
CA PRO A 18 24.14 7.05 8.69
C PRO A 18 22.71 6.97 8.18
N LEU A 19 22.50 6.96 6.86
CA LEU A 19 21.14 6.85 6.36
C LEU A 19 20.63 5.41 6.45
N VAL A 20 21.51 4.43 6.24
CA VAL A 20 21.09 3.03 6.21
C VAL A 20 20.65 2.57 7.61
N VAL A 21 21.45 2.88 8.63
CA VAL A 21 21.12 2.41 9.97
C VAL A 21 19.80 3.00 10.45
N VAL A 22 19.44 4.18 9.94
CA VAL A 22 18.13 4.74 10.27
C VAL A 22 17.02 3.90 9.65
N LEU A 23 17.25 3.37 8.45
CA LEU A 23 16.23 2.57 7.79
C LEU A 23 15.94 1.28 8.55
N SER A 24 16.92 0.75 9.27
CA SER A 24 16.68 -0.46 10.05
C SER A 24 15.64 -0.21 11.15
N THR A 25 15.70 0.95 11.79
CA THR A 25 14.69 1.30 12.79
C THR A 25 13.32 1.42 12.15
N ILE A 26 13.25 2.00 10.95
CA ILE A 26 11.97 2.11 10.25
C ILE A 26 11.41 0.72 9.95
N CYS A 27 12.26 -0.20 9.50
CA CYS A 27 11.82 -1.57 9.26
C CYS A 27 11.31 -2.21 10.55
N LEU A 28 12.06 -2.04 11.64
CA LEU A 28 11.69 -2.67 12.89
C LEU A 28 10.35 -2.15 13.41
N VAL A 29 10.11 -0.84 13.30
CA VAL A 29 8.83 -0.32 13.75
C VAL A 29 7.71 -0.71 12.78
N THR A 30 8.02 -0.84 11.49
CA THR A 30 7.00 -1.21 10.51
C THR A 30 6.50 -2.63 10.76
N VAL A 31 7.43 -3.58 10.90
CA VAL A 31 7.01 -4.97 11.11
C VAL A 31 6.37 -5.14 12.47
N GLY A 32 6.91 -4.47 13.49
CA GLY A 32 6.39 -4.63 14.84
C GLY A 32 4.97 -4.10 15.00
N LEU A 33 4.70 -2.90 14.47
CA LEU A 33 3.41 -2.26 14.70
C LEU A 33 2.29 -2.97 13.94
N ASN A 34 2.55 -3.40 12.71
CA ASN A 34 1.55 -4.19 11.99
C ASN A 34 1.29 -5.51 12.69
N LEU A 35 2.35 -6.16 13.17
CA LEU A 35 2.18 -7.37 13.97
C LEU A 35 1.45 -7.06 15.27
N LEU A 36 1.67 -5.88 15.85
CA LEU A 36 0.93 -5.50 17.04
C LEU A 36 -0.57 -5.35 16.74
N VAL A 37 -0.90 -4.78 15.58
CA VAL A 37 -2.30 -4.65 15.19
C VAL A 37 -2.93 -6.03 14.98
N LEU A 38 -2.20 -6.92 14.30
CA LEU A 38 -2.72 -8.27 14.10
C LEU A 38 -2.85 -9.02 15.42
N TYR A 39 -1.98 -8.72 16.39
CA TYR A 39 -2.17 -9.23 17.74
C TYR A 39 -3.45 -8.69 18.35
N ALA A 40 -3.71 -7.40 18.15
CA ALA A 40 -4.89 -6.77 18.72
C ALA A 40 -6.17 -7.41 18.18
N VAL A 41 -6.24 -7.63 16.88
CA VAL A 41 -7.45 -8.20 16.30
C VAL A 41 -7.60 -9.69 16.58
N ARG A 42 -6.51 -10.39 16.88
CA ARG A 42 -6.56 -11.81 17.16
C ARG A 42 -6.66 -12.13 18.65
N SER A 43 -5.99 -11.37 19.51
CA SER A 43 -5.95 -11.69 20.93
C SER A 43 -6.96 -10.90 21.75
N GLU A 44 -7.76 -10.04 21.14
CA GLU A 44 -8.83 -9.34 21.84
C GLU A 44 -10.22 -9.84 21.46
N ARG A 45 -10.44 -10.13 20.17
CA ARG A 45 -11.71 -10.65 19.67
C ARG A 45 -12.88 -9.70 19.91
N LYS A 46 -12.59 -8.44 20.23
CA LYS A 46 -13.61 -7.40 20.30
C LYS A 46 -13.54 -6.48 19.09
N LEU A 47 -12.91 -6.94 18.01
CA LEU A 47 -12.80 -6.16 16.79
C LEU A 47 -13.06 -7.00 15.54
N HIS A 48 -13.81 -8.10 15.65
CA HIS A 48 -14.08 -8.92 14.48
C HIS A 48 -15.33 -8.38 13.78
N THR A 49 -15.15 -7.20 13.18
CA THR A 49 -16.14 -6.57 12.32
C THR A 49 -15.60 -6.51 10.91
N VAL A 50 -16.49 -6.32 9.94
CA VAL A 50 -16.09 -6.35 8.54
C VAL A 50 -15.14 -5.20 8.21
N GLY A 51 -15.44 -4.00 8.72
CA GLY A 51 -14.51 -2.89 8.52
C GLY A 51 -13.17 -3.15 9.17
N ASN A 52 -13.17 -3.71 10.37
CA ASN A 52 -11.92 -4.10 11.00
C ASN A 52 -11.26 -5.25 10.24
N LEU A 53 -12.03 -6.09 9.55
CA LEU A 53 -11.41 -7.07 8.66
C LEU A 53 -10.69 -6.38 7.51
N TYR A 54 -11.26 -5.31 6.97
CA TYR A 54 -10.58 -4.56 5.92
C TYR A 54 -9.31 -3.91 6.44
N ILE A 55 -9.35 -3.34 7.65
CA ILE A 55 -8.13 -2.76 8.19
C ILE A 55 -7.13 -3.85 8.52
N VAL A 56 -7.59 -5.07 8.81
CA VAL A 56 -6.68 -6.19 8.99
C VAL A 56 -6.01 -6.55 7.67
N SER A 57 -6.76 -6.51 6.57
CA SER A 57 -6.15 -6.72 5.27
C SER A 57 -5.10 -5.65 4.96
N LEU A 58 -5.42 -4.39 5.28
CA LEU A 58 -4.46 -3.32 5.08
C LEU A 58 -3.20 -3.52 5.92
N SER A 59 -3.38 -3.91 7.19
CA SER A 59 -2.23 -4.16 8.06
C SER A 59 -1.43 -5.37 7.60
N VAL A 60 -2.08 -6.39 7.04
CA VAL A 60 -1.36 -7.53 6.50
C VAL A 60 -0.54 -7.12 5.28
N ALA A 61 -1.11 -6.29 4.42
CA ALA A 61 -0.34 -5.79 3.28
C ALA A 61 0.86 -4.99 3.74
N ASP A 62 0.68 -4.13 4.75
CA ASP A 62 1.80 -3.35 5.26
C ASP A 62 2.84 -4.24 5.94
N LEU A 63 2.41 -5.27 6.67
CA LEU A 63 3.35 -6.20 7.27
C LEU A 63 4.14 -6.95 6.21
N ILE A 64 3.49 -7.36 5.13
CA ILE A 64 4.20 -8.03 4.05
C ILE A 64 5.22 -7.10 3.42
N VAL A 65 4.81 -5.87 3.11
CA VAL A 65 5.73 -4.94 2.46
C VAL A 65 6.92 -4.66 3.37
N GLY A 66 6.67 -4.48 4.67
CA GLY A 66 7.76 -4.33 5.61
C GLY A 66 8.68 -5.55 5.61
N ALA A 67 8.17 -6.67 6.12
CA ALA A 67 9.02 -7.83 6.37
C ALA A 67 9.71 -8.35 5.12
N VAL A 68 9.17 -8.05 3.93
CA VAL A 68 9.85 -8.51 2.71
C VAL A 68 10.72 -7.40 2.15
N VAL A 69 10.10 -6.29 1.74
CA VAL A 69 10.82 -5.27 0.99
C VAL A 69 11.89 -4.60 1.85
N MET A 70 11.56 -4.27 3.10
CA MET A 70 12.48 -3.46 3.90
C MET A 70 13.87 -4.08 4.00
N PRO A 71 14.04 -5.36 4.37
CA PRO A 71 15.39 -5.91 4.39
C PRO A 71 16.04 -5.95 3.01
N MET A 72 15.28 -6.32 1.98
CA MET A 72 15.86 -6.41 0.65
C MET A 72 16.26 -5.04 0.12
N ASN A 73 15.41 -4.04 0.31
CA ASN A 73 15.76 -2.69 -0.13
C ASN A 73 16.92 -2.12 0.66
N ILE A 74 16.97 -2.41 1.97
CA ILE A 74 18.08 -1.94 2.79
C ILE A 74 19.39 -2.57 2.32
N LEU A 75 19.37 -3.87 2.05
CA LEU A 75 20.57 -4.54 1.55
C LEU A 75 20.98 -3.97 0.19
N TYR A 76 20.01 -3.73 -0.68
CA TYR A 76 20.31 -3.14 -1.98
C TYR A 76 20.94 -1.76 -1.82
N LEU A 77 20.46 -0.97 -0.87
CA LEU A 77 21.00 0.37 -0.68
C LEU A 77 22.40 0.33 -0.07
N LEU A 78 22.63 -0.54 0.91
CA LEU A 78 23.95 -0.60 1.53
C LEU A 78 24.98 -1.31 0.67
N MET A 79 24.55 -2.09 -0.33
CA MET A 79 25.47 -2.69 -1.30
C MET A 79 24.91 -2.44 -2.69
N SER A 80 25.53 -1.53 -3.43
CA SER A 80 24.99 -1.09 -4.71
C SER A 80 25.26 -2.11 -5.81
N LYS A 81 24.86 -3.36 -5.57
CA LYS A 81 24.96 -4.43 -6.55
C LYS A 81 24.15 -5.62 -6.07
N TRP A 82 23.27 -6.15 -6.93
CA TRP A 82 22.42 -7.28 -6.56
C TRP A 82 23.06 -8.57 -7.06
N SER A 83 23.53 -9.39 -6.12
CA SER A 83 24.09 -10.70 -6.43
C SER A 83 23.38 -11.79 -5.63
N LEU A 84 22.10 -11.58 -5.31
CA LEU A 84 21.28 -12.54 -4.59
C LEU A 84 20.50 -13.44 -5.53
N GLY A 85 21.00 -13.66 -6.74
CA GLY A 85 20.32 -14.50 -7.70
C GLY A 85 19.17 -13.80 -8.38
N ARG A 86 18.96 -14.12 -9.66
CA ARG A 86 17.83 -13.53 -10.39
C ARG A 86 16.48 -13.91 -9.79
N PRO A 87 16.18 -15.17 -9.47
CA PRO A 87 14.83 -15.49 -8.98
C PRO A 87 14.41 -14.71 -7.74
N LEU A 88 15.35 -14.42 -6.83
CA LEU A 88 14.95 -13.75 -5.60
C LEU A 88 14.65 -12.27 -5.84
N CYS A 89 15.35 -11.64 -6.79
CA CYS A 89 14.99 -10.27 -7.16
C CYS A 89 13.59 -10.21 -7.74
N LEU A 90 13.25 -11.18 -8.58
CA LEU A 90 11.89 -11.24 -9.13
C LEU A 90 10.87 -11.49 -8.02
N PHE A 91 11.21 -12.35 -7.06
CA PHE A 91 10.32 -12.59 -5.92
C PHE A 91 10.10 -11.31 -5.13
N TRP A 92 11.17 -10.54 -4.90
CA TRP A 92 11.04 -9.28 -4.17
C TRP A 92 10.17 -8.30 -4.94
N LEU A 93 10.37 -8.18 -6.24
CA LEU A 93 9.54 -7.28 -7.04
C LEU A 93 8.07 -7.70 -6.98
N SER A 94 7.82 -9.00 -7.13
CA SER A 94 6.44 -9.49 -7.11
C SER A 94 5.78 -9.24 -5.76
N MET A 95 6.50 -9.49 -4.67
CA MET A 95 5.90 -9.28 -3.35
C MET A 95 5.71 -7.80 -3.04
N ASP A 96 6.63 -6.95 -3.50
CA ASP A 96 6.44 -5.51 -3.32
C ASP A 96 5.20 -5.03 -4.06
N TYR A 97 5.03 -5.47 -5.30
CA TYR A 97 3.85 -5.07 -6.07
C TYR A 97 2.57 -5.63 -5.45
N VAL A 98 2.62 -6.88 -4.98
CA VAL A 98 1.46 -7.46 -4.29
C VAL A 98 1.09 -6.62 -3.09
N ALA A 99 2.06 -6.30 -2.25
CA ALA A 99 1.76 -5.58 -1.01
C ALA A 99 1.22 -4.19 -1.30
N SER A 100 1.85 -3.46 -2.24
CA SER A 100 1.41 -2.11 -2.54
C SER A 100 0.01 -2.10 -3.15
N THR A 101 -0.24 -2.98 -4.12
CA THR A 101 -1.56 -3.03 -4.74
C THR A 101 -2.61 -3.52 -3.75
N ALA A 102 -2.26 -4.47 -2.89
CA ALA A 102 -3.19 -4.94 -1.88
C ALA A 102 -3.55 -3.83 -0.90
N SER A 103 -2.59 -2.98 -0.54
CA SER A 103 -2.90 -1.84 0.31
C SER A 103 -3.81 -0.85 -0.39
N ILE A 104 -3.43 -0.25 -1.48
CA ILE A 104 -4.33 0.64 -2.18
C ILE A 104 -5.45 -0.01 -2.88
N PHE A 105 -5.78 -1.27 -2.70
CA PHE A 105 -7.09 -1.83 -2.99
C PHE A 105 -7.88 -2.20 -1.75
N SER A 106 -7.20 -2.48 -0.62
CA SER A 106 -7.92 -2.65 0.63
C SER A 106 -8.48 -1.32 1.11
N VAL A 107 -7.73 -0.23 0.97
CA VAL A 107 -8.30 1.07 1.30
C VAL A 107 -9.43 1.42 0.36
N PHE A 108 -9.29 1.08 -0.93
CA PHE A 108 -10.35 1.32 -1.88
C PHE A 108 -11.61 0.53 -1.53
N ILE A 109 -11.44 -0.74 -1.13
CA ILE A 109 -12.57 -1.57 -0.75
C ILE A 109 -13.23 -1.01 0.51
N LEU A 110 -12.43 -0.58 1.48
CA LEU A 110 -13.00 0.00 2.70
C LEU A 110 -13.81 1.24 2.37
N CYS A 111 -13.29 2.12 1.51
CA CYS A 111 -14.04 3.30 1.12
C CYS A 111 -15.31 2.94 0.36
N ILE A 112 -15.23 1.95 -0.54
CA ILE A 112 -16.41 1.54 -1.31
C ILE A 112 -17.50 1.02 -0.38
N ASP A 113 -17.13 0.19 0.59
CA ASP A 113 -18.13 -0.37 1.49
C ASP A 113 -18.66 0.69 2.45
N ARG A 114 -17.82 1.63 2.88
CA ARG A 114 -18.34 2.76 3.64
C ARG A 114 -19.36 3.56 2.84
N TYR A 115 -19.06 3.81 1.56
CA TYR A 115 -19.99 4.56 0.73
C TYR A 115 -21.28 3.78 0.48
N ARG A 116 -21.18 2.49 0.23
CA ARG A 116 -22.37 1.67 -0.01
C ARG A 116 -23.14 1.37 1.28
N SER A 117 -22.54 1.61 2.45
CA SER A 117 -23.25 1.53 3.70
C SER A 117 -23.88 2.84 4.12
N VAL A 118 -23.31 3.96 3.66
CA VAL A 118 -23.86 5.28 3.97
C VAL A 118 -24.50 5.79 2.68
N GLN A 119 -24.88 4.86 1.81
CA GLN A 119 -25.51 5.14 0.54
C GLN A 119 -26.98 5.49 0.66
N GLN A 120 -27.44 5.82 1.87
CA GLN A 120 -28.87 5.84 2.16
C GLN A 120 -29.42 4.48 1.74
N PRO A 121 -29.08 3.40 2.47
CA PRO A 121 -29.37 2.04 1.97
C PRO A 121 -30.80 1.85 1.52
N LEU A 122 -30.98 1.68 0.21
CA LEU A 122 -32.29 1.42 -0.37
C LEU A 122 -32.21 0.17 -1.23
N ARG A 123 -31.02 -0.13 -1.72
CA ARG A 123 -30.76 -1.37 -2.45
C ARG A 123 -29.88 -2.35 -1.69
N TYR A 124 -28.95 -1.86 -0.86
CA TYR A 124 -28.06 -2.72 -0.09
C TYR A 124 -28.40 -2.58 1.39
N LEU A 125 -29.42 -3.33 1.82
CA LEU A 125 -29.66 -3.61 3.23
C LEU A 125 -29.34 -5.06 3.56
N LYS A 126 -28.77 -5.79 2.60
CA LYS A 126 -28.46 -7.20 2.74
C LYS A 126 -27.11 -7.37 3.45
N TYR A 127 -26.54 -8.57 3.37
CA TYR A 127 -25.34 -8.91 4.11
C TYR A 127 -24.20 -7.92 3.85
N ARG A 128 -23.65 -7.40 4.94
CA ARG A 128 -22.45 -6.59 4.94
C ARG A 128 -21.50 -7.34 5.87
N THR A 129 -21.36 -8.63 5.60
CA THR A 129 -20.84 -9.59 6.56
C THR A 129 -19.64 -10.31 5.97
N LYS A 130 -19.24 -11.43 6.59
CA LYS A 130 -18.05 -12.14 6.16
C LYS A 130 -18.09 -12.51 4.67
N THR A 131 -19.28 -12.72 4.12
CA THR A 131 -19.38 -13.10 2.71
C THR A 131 -18.82 -12.01 1.81
N ARG A 132 -19.37 -10.80 1.89
CA ARG A 132 -18.94 -9.71 1.01
C ARG A 132 -17.48 -9.35 1.26
N ALA A 133 -17.07 -9.27 2.53
CA ALA A 133 -15.70 -8.89 2.85
C ALA A 133 -14.71 -9.91 2.30
N SER A 134 -15.01 -11.20 2.51
CA SER A 134 -14.14 -12.25 1.99
C SER A 134 -14.07 -12.20 0.47
N ALA A 135 -15.22 -12.05 -0.19
CA ALA A 135 -15.23 -12.03 -1.64
C ALA A 135 -14.42 -10.87 -2.20
N THR A 136 -14.59 -9.67 -1.62
CA THR A 136 -13.91 -8.51 -2.15
C THR A 136 -12.42 -8.53 -1.84
N ILE A 137 -12.03 -9.01 -0.66
CA ILE A 137 -10.61 -9.10 -0.33
C ILE A 137 -9.92 -10.12 -1.22
N LEU A 138 -10.54 -11.29 -1.41
CA LEU A 138 -9.96 -12.28 -2.30
C LEU A 138 -9.89 -11.77 -3.72
N GLY A 139 -10.89 -11.01 -4.17
CA GLY A 139 -10.83 -10.42 -5.49
C GLY A 139 -9.67 -9.45 -5.66
N ALA A 140 -9.47 -8.58 -4.67
CA ALA A 140 -8.36 -7.63 -4.75
C ALA A 140 -7.02 -8.34 -4.75
N TRP A 141 -6.85 -9.35 -3.89
CA TRP A 141 -5.58 -10.06 -3.87
C TRP A 141 -5.36 -10.88 -5.13
N PHE A 142 -6.43 -11.42 -5.72
CA PHE A 142 -6.29 -12.10 -7.00
C PHE A 142 -5.93 -11.12 -8.11
N LEU A 143 -6.44 -9.88 -8.05
CA LEU A 143 -6.02 -8.88 -9.02
C LEU A 143 -4.54 -8.54 -8.86
N SER A 144 -4.07 -8.46 -7.61
CA SER A 144 -2.65 -8.22 -7.37
C SER A 144 -1.81 -9.36 -7.96
N PHE A 145 -2.22 -10.60 -7.74
CA PHE A 145 -1.48 -11.71 -8.33
C PHE A 145 -1.61 -11.74 -9.84
N LEU A 146 -2.72 -11.22 -10.38
CA LEU A 146 -2.85 -11.03 -11.82
C LEU A 146 -1.83 -10.03 -12.35
N TRP A 147 -1.55 -8.97 -11.60
CA TRP A 147 -0.44 -8.09 -11.93
C TRP A 147 0.88 -8.84 -11.90
N VAL A 148 1.06 -9.69 -10.89
CA VAL A 148 2.31 -10.46 -10.79
C VAL A 148 2.50 -11.40 -11.97
N ILE A 149 1.40 -11.91 -12.52
CA ILE A 149 1.50 -12.94 -13.57
C ILE A 149 2.41 -12.53 -14.72
N PRO A 150 2.29 -11.32 -15.31
CA PRO A 150 3.18 -10.99 -16.43
C PRO A 150 4.54 -10.44 -16.04
N ILE A 151 4.69 -9.89 -14.84
CA ILE A 151 5.98 -9.28 -14.48
C ILE A 151 7.05 -10.36 -14.30
N LEU A 152 6.68 -11.52 -13.73
CA LEU A 152 7.64 -12.60 -13.59
C LEU A 152 8.07 -13.13 -14.95
N GLY A 153 7.11 -13.48 -15.79
CA GLY A 153 7.41 -13.90 -17.14
C GLY A 153 7.08 -12.80 -18.14
N TRP A 154 8.10 -12.08 -18.58
CA TRP A 154 7.94 -10.99 -19.53
C TRP A 154 8.20 -11.45 -20.95
N ASN A 155 9.30 -12.15 -21.18
CA ASN A 155 9.64 -12.61 -22.52
C ASN A 155 8.77 -13.77 -22.97
N HIS A 156 8.04 -14.41 -22.05
CA HIS A 156 7.28 -15.60 -22.39
C HIS A 156 6.11 -15.30 -23.32
N PHE A 157 5.31 -14.28 -22.98
CA PHE A 157 4.15 -13.92 -23.77
C PHE A 157 4.48 -12.84 -24.81
N MET A 158 4.93 -11.69 -24.34
CA MET A 158 5.38 -10.63 -25.24
C MET A 158 6.86 -10.81 -25.55
N GLN A 159 7.22 -10.68 -26.83
CA GLN A 159 8.58 -10.96 -27.28
C GLN A 159 9.54 -9.81 -27.02
N GLN A 160 9.18 -8.87 -26.15
CA GLN A 160 10.04 -7.74 -25.83
C GLN A 160 11.31 -8.20 -25.11
N VAL A 163 16.42 -9.31 -18.74
CA VAL A 163 16.61 -8.00 -18.12
C VAL A 163 17.77 -7.27 -18.80
N ARG A 164 18.63 -8.04 -19.45
CA ARG A 164 19.78 -7.51 -20.19
C ARG A 164 20.74 -6.74 -19.29
N ARG A 165 20.71 -6.99 -17.99
CA ARG A 165 21.61 -6.35 -17.03
C ARG A 165 22.02 -7.38 -16.00
N GLU A 166 23.32 -7.70 -15.97
CA GLU A 166 23.80 -8.71 -15.02
C GLU A 166 23.59 -8.25 -13.58
N ASP A 167 23.88 -6.99 -13.30
CA ASP A 167 23.69 -6.41 -11.97
C ASP A 167 22.62 -5.32 -12.04
N LYS A 168 22.32 -4.73 -10.88
CA LYS A 168 21.32 -3.68 -10.76
C LYS A 168 19.97 -4.15 -11.30
N CYS A 169 19.45 -5.20 -10.68
CA CYS A 169 18.20 -5.81 -11.14
C CYS A 169 17.02 -4.89 -10.85
N GLU A 170 16.13 -4.76 -11.84
CA GLU A 170 14.95 -3.93 -11.72
C GLU A 170 13.80 -4.66 -12.40
N THR A 171 12.68 -3.96 -12.60
CA THR A 171 11.55 -4.55 -13.28
C THR A 171 11.90 -4.86 -14.74
N ASP A 172 11.17 -5.82 -15.30
CA ASP A 172 11.40 -6.18 -16.70
C ASP A 172 10.95 -5.08 -17.65
N PHE A 173 9.94 -4.31 -17.27
CA PHE A 173 9.38 -3.26 -18.13
C PHE A 173 9.95 -1.88 -17.82
N TYR A 174 11.20 -1.82 -17.36
CA TYR A 174 11.82 -0.53 -17.09
C TYR A 174 12.17 0.21 -18.37
N ASP A 175 12.40 -0.51 -19.46
CA ASP A 175 12.86 0.09 -20.71
C ASP A 175 11.73 0.36 -21.69
N VAL A 176 10.48 0.24 -21.25
CA VAL A 176 9.31 0.57 -22.08
C VAL A 176 8.53 1.65 -21.38
N THR A 177 8.18 2.70 -22.13
CA THR A 177 7.54 3.88 -21.55
C THR A 177 6.02 3.74 -21.50
N TRP A 178 5.40 3.30 -22.59
CA TRP A 178 3.95 3.33 -22.66
C TRP A 178 3.30 2.44 -21.62
N PHE A 179 3.81 1.22 -21.44
CA PHE A 179 3.22 0.32 -20.45
C PHE A 179 3.40 0.86 -19.04
N LYS A 180 4.58 1.41 -18.73
CA LYS A 180 4.82 1.95 -17.40
C LYS A 180 3.88 3.11 -17.12
N VAL A 181 3.74 4.02 -18.07
CA VAL A 181 2.85 5.17 -17.89
C VAL A 181 1.42 4.70 -17.72
N MET A 182 0.98 3.76 -18.56
CA MET A 182 -0.41 3.29 -18.47
C MET A 182 -0.68 2.60 -17.16
N THR A 183 0.24 1.74 -16.70
CA THR A 183 -0.01 1.01 -15.46
C THR A 183 0.03 1.93 -14.26
N ALA A 184 0.93 2.93 -14.25
CA ALA A 184 0.94 3.88 -13.16
C ALA A 184 -0.34 4.71 -13.15
N ILE A 185 -0.75 5.20 -14.31
CA ILE A 185 -1.98 5.99 -14.41
C ILE A 185 -3.17 5.18 -13.92
N ILE A 186 -3.30 3.93 -14.37
CA ILE A 186 -4.41 3.11 -13.91
C ILE A 186 -4.31 2.97 -12.39
N ASN A 187 -3.25 2.30 -11.93
CA ASN A 187 -3.20 1.83 -10.54
C ASN A 187 -3.27 2.98 -9.54
N PHE A 188 -2.81 4.17 -9.89
CA PHE A 188 -2.97 5.28 -8.96
C PHE A 188 -4.19 6.12 -9.27
N TYR A 189 -4.25 6.72 -10.47
CA TYR A 189 -5.27 7.71 -10.74
C TYR A 189 -6.68 7.12 -10.67
N LEU A 190 -6.91 5.92 -11.24
CA LEU A 190 -8.27 5.39 -11.18
C LEU A 190 -8.69 5.08 -9.74
N PRO A 191 -7.89 4.37 -8.94
CA PRO A 191 -8.27 4.26 -7.52
C PRO A 191 -8.33 5.60 -6.80
N THR A 192 -7.35 6.49 -6.98
CA THR A 192 -7.40 7.70 -6.17
C THR A 192 -8.56 8.60 -6.60
N LEU A 193 -8.85 8.69 -7.89
CA LEU A 193 -9.96 9.54 -8.32
C LEU A 193 -11.30 8.92 -7.94
N LEU A 194 -11.49 7.62 -8.20
CA LEU A 194 -12.75 6.99 -7.84
C LEU A 194 -12.98 7.02 -6.34
N MET A 195 -11.92 6.78 -5.57
CA MET A 195 -12.06 6.73 -4.12
C MET A 195 -12.16 8.13 -3.51
N LEU A 196 -11.58 9.15 -4.14
CA LEU A 196 -11.88 10.53 -3.75
C LEU A 196 -13.33 10.89 -4.04
N TRP A 197 -13.88 10.45 -5.17
CA TRP A 197 -15.29 10.68 -5.44
C TRP A 197 -16.16 10.00 -4.39
N PHE A 198 -15.82 8.75 -4.04
CA PHE A 198 -16.57 8.05 -3.02
C PHE A 198 -16.43 8.73 -1.65
N TYR A 199 -15.23 9.24 -1.33
CA TYR A 199 -15.05 9.93 -0.06
C TYR A 199 -15.81 11.25 -0.02
N ALA A 200 -15.88 11.97 -1.14
CA ALA A 200 -16.68 13.18 -1.17
C ALA A 200 -18.16 12.88 -1.02
N LYS A 201 -18.64 11.80 -1.66
CA LYS A 201 -20.02 11.39 -1.46
C LYS A 201 -20.28 11.01 -0.01
N ILE A 202 -19.33 10.31 0.61
CA ILE A 202 -19.45 9.96 2.03
C ILE A 202 -19.48 11.22 2.89
N TYR A 203 -18.63 12.19 2.57
CA TYR A 203 -18.61 13.45 3.31
C TYR A 203 -19.96 14.15 3.22
N LYS A 204 -20.54 14.21 2.03
CA LYS A 204 -21.84 14.85 1.88
C LYS A 204 -22.93 14.08 2.64
N ALA A 205 -22.94 12.76 2.52
CA ALA A 205 -23.98 11.97 3.17
C ALA A 205 -23.90 12.07 4.69
N VAL A 206 -22.68 12.02 5.24
CA VAL A 206 -22.50 12.15 6.68
C VAL A 206 -22.81 13.57 7.15
N LYS A 207 -22.44 14.57 6.36
CA LYS A 207 -22.82 15.94 6.69
C LYS A 207 -24.30 16.19 6.51
N ARG A 208 -25.04 15.24 5.94
CA ARG A 208 -26.49 15.32 5.93
C ARG A 208 -27.14 14.73 7.19
N GLN A 209 -26.50 13.74 7.82
CA GLN A 209 -27.04 13.18 9.06
C GLN A 209 -26.76 14.10 10.23
N LEU A 210 -25.49 14.33 10.52
CA LEU A 210 -25.05 15.06 11.71
C LEU A 210 -25.19 16.58 11.58
N ASN A 313 -20.86 11.42 17.50
CA ASN A 313 -19.54 11.86 17.05
C ASN A 313 -18.70 10.72 16.49
N ARG A 314 -19.02 9.48 16.88
CA ARG A 314 -18.16 8.36 16.49
C ARG A 314 -17.98 8.29 14.98
N GLU A 315 -19.01 8.71 14.22
CA GLU A 315 -18.84 8.82 12.79
C GLU A 315 -17.76 9.84 12.43
N ARG A 316 -17.62 10.91 13.21
CA ARG A 316 -16.53 11.84 12.95
C ARG A 316 -15.18 11.20 13.19
N LYS A 317 -15.05 10.38 14.23
CA LYS A 317 -13.78 9.69 14.47
C LYS A 317 -13.46 8.73 13.33
N ALA A 318 -14.46 7.98 12.85
CA ALA A 318 -14.22 7.08 11.73
C ALA A 318 -13.86 7.87 10.46
N ALA A 319 -14.58 8.96 10.20
CA ALA A 319 -14.28 9.77 9.03
C ALA A 319 -12.90 10.40 9.13
N LYS A 320 -12.46 10.76 10.34
CA LYS A 320 -11.14 11.35 10.49
C LYS A 320 -10.03 10.30 10.37
N GLN A 321 -10.28 9.06 10.78
CA GLN A 321 -9.26 8.04 10.55
C GLN A 321 -9.17 7.72 9.06
N LEU A 322 -10.31 7.69 8.36
CA LEU A 322 -10.27 7.53 6.92
C LEU A 322 -9.57 8.71 6.26
N GLY A 323 -9.79 9.92 6.77
CA GLY A 323 -9.12 11.08 6.23
C GLY A 323 -7.61 11.08 6.49
N PHE A 324 -7.20 10.54 7.63
CA PHE A 324 -5.76 10.42 7.89
C PHE A 324 -5.13 9.36 7.00
N ILE A 325 -5.83 8.25 6.76
CA ILE A 325 -5.36 7.29 5.77
C ILE A 325 -5.29 7.95 4.40
N MET A 326 -6.27 8.80 4.09
CA MET A 326 -6.25 9.59 2.86
C MET A 326 -4.99 10.43 2.77
N ALA A 327 -4.70 11.19 3.81
CA ALA A 327 -3.55 12.08 3.80
C ALA A 327 -2.26 11.29 3.66
N ALA A 328 -2.12 10.20 4.41
CA ALA A 328 -0.92 9.39 4.31
C ALA A 328 -0.75 8.82 2.90
N PHE A 329 -1.72 8.11 2.29
CA PHE A 329 -1.68 7.53 0.89
C PHE A 329 -2.01 8.47 -0.20
N ILE A 330 -2.03 9.68 0.08
CA ILE A 330 -1.88 10.60 -1.04
C ILE A 330 -0.57 11.37 -0.88
N LEU A 331 -0.43 12.16 0.19
CA LEU A 331 0.73 13.02 0.32
C LEU A 331 2.02 12.23 0.54
N CYS A 332 1.94 10.92 0.75
CA CYS A 332 3.15 10.11 0.80
C CYS A 332 3.49 9.44 -0.52
N TRP A 333 2.52 9.29 -1.42
CA TRP A 333 2.76 8.62 -2.70
C TRP A 333 2.87 9.57 -3.88
N ILE A 334 2.34 10.79 -3.78
CA ILE A 334 2.38 11.72 -4.93
C ILE A 334 3.79 11.96 -5.44
N PRO A 335 4.82 12.17 -4.60
CA PRO A 335 6.16 12.36 -5.17
C PRO A 335 6.63 11.19 -6.03
N TYR A 336 6.33 9.96 -5.61
CA TYR A 336 6.78 8.79 -6.36
C TYR A 336 6.13 8.73 -7.73
N PHE A 337 4.81 8.90 -7.80
CA PHE A 337 4.13 8.77 -9.07
C PHE A 337 4.34 9.98 -9.96
N ILE A 338 4.53 11.17 -9.38
CA ILE A 338 4.93 12.29 -10.22
C ILE A 338 6.34 12.06 -10.76
N PHE A 339 7.19 11.36 -10.00
CA PHE A 339 8.51 11.01 -10.52
C PHE A 339 8.39 10.04 -11.70
N PHE A 340 7.50 9.06 -11.61
CA PHE A 340 7.22 8.24 -12.80
C PHE A 340 6.71 9.08 -13.96
N MET A 341 5.80 10.02 -13.70
CA MET A 341 5.25 10.83 -14.78
C MET A 341 6.34 11.64 -15.48
N VAL A 342 7.29 12.18 -14.72
CA VAL A 342 8.31 13.04 -15.33
C VAL A 342 9.44 12.21 -15.95
N ILE A 343 9.74 11.03 -15.38
CA ILE A 343 10.94 10.31 -15.78
C ILE A 343 10.80 9.75 -17.20
N ALA A 344 9.59 9.33 -17.58
CA ALA A 344 9.41 8.69 -18.88
C ALA A 344 9.67 9.65 -20.02
N PHE A 345 9.23 10.90 -19.88
CA PHE A 345 9.33 11.88 -20.96
C PHE A 345 10.68 12.59 -21.02
N CYS A 346 11.52 12.44 -20.00
CA CYS A 346 12.85 13.04 -20.01
C CYS A 346 13.77 12.19 -19.14
N LYS A 347 14.75 11.55 -19.76
CA LYS A 347 15.73 10.76 -19.02
C LYS A 347 16.80 11.63 -18.36
N ASN A 348 16.88 12.91 -18.71
CA ASN A 348 17.73 13.84 -17.98
C ASN A 348 17.14 14.23 -16.63
N CYS A 349 15.88 13.88 -16.38
CA CYS A 349 15.16 14.25 -15.16
C CYS A 349 15.31 13.19 -14.07
N CYS A 350 16.39 12.41 -14.12
CA CYS A 350 16.58 11.29 -13.19
C CYS A 350 17.51 11.70 -12.07
N ASN A 351 17.13 11.35 -10.83
CA ASN A 351 17.94 11.62 -9.65
C ASN A 351 17.80 10.43 -8.71
N GLU A 352 18.91 9.70 -8.50
CA GLU A 352 18.85 8.46 -7.74
C GLU A 352 18.45 8.71 -6.29
N HIS A 353 18.98 9.77 -5.68
CA HIS A 353 18.66 10.05 -4.28
C HIS A 353 17.17 10.30 -4.10
N LEU A 354 16.58 11.11 -4.98
CA LEU A 354 15.17 11.46 -4.85
C LEU A 354 14.27 10.25 -5.10
N HIS A 355 14.69 9.33 -5.98
CA HIS A 355 13.89 8.14 -6.23
C HIS A 355 13.79 7.28 -4.98
N MET A 356 14.92 7.03 -4.32
CA MET A 356 14.91 6.27 -3.08
C MET A 356 14.16 7.02 -1.99
N PHE A 357 14.28 8.35 -1.96
CA PHE A 357 13.54 9.13 -0.98
C PHE A 357 12.04 8.98 -1.19
N THR A 358 11.58 8.97 -2.44
CA THR A 358 10.15 8.81 -2.71
C THR A 358 9.67 7.41 -2.36
N ILE A 359 10.45 6.39 -2.71
CA ILE A 359 10.07 5.02 -2.36
C ILE A 359 9.97 4.88 -0.84
N TRP A 360 10.91 5.48 -0.12
CA TRP A 360 10.84 5.41 1.33
C TRP A 360 9.76 6.31 1.90
N LEU A 361 9.31 7.33 1.17
CA LEU A 361 8.10 8.04 1.57
C LEU A 361 6.87 7.13 1.47
N GLY A 362 6.80 6.33 0.41
CA GLY A 362 5.73 5.35 0.33
C GLY A 362 5.79 4.34 1.46
N TYR A 363 6.99 3.89 1.80
CA TYR A 363 7.11 2.97 2.93
C TYR A 363 6.82 3.66 4.25
N ILE A 364 7.06 4.97 4.33
CA ILE A 364 6.67 5.74 5.50
C ILE A 364 5.16 5.80 5.60
N ASN A 365 4.46 5.88 4.47
CA ASN A 365 3.01 5.69 4.48
C ASN A 365 2.65 4.33 5.07
N SER A 366 3.33 3.29 4.59
CA SER A 366 3.02 1.93 5.05
C SER A 366 3.23 1.79 6.56
N THR A 367 4.21 2.49 7.12
CA THR A 367 4.43 2.42 8.56
C THR A 367 3.61 3.44 9.33
N LEU A 368 3.08 4.47 8.66
CA LEU A 368 2.23 5.45 9.31
C LEU A 368 0.82 4.93 9.52
N ASN A 369 0.34 4.08 8.62
CA ASN A 369 -0.98 3.49 8.81
C ASN A 369 -1.14 2.81 10.18
N PRO A 370 -0.20 2.00 10.67
CA PRO A 370 -0.33 1.48 12.04
C PRO A 370 -0.29 2.55 13.11
N LEU A 371 0.23 3.75 12.81
CA LEU A 371 0.11 4.87 13.73
C LEU A 371 -1.18 5.66 13.53
N ILE A 372 -1.77 5.59 12.33
CA ILE A 372 -3.08 6.20 12.11
C ILE A 372 -4.16 5.45 12.87
N TYR A 373 -4.05 4.13 12.93
CA TYR A 373 -5.11 3.33 13.55
C TYR A 373 -5.38 3.68 15.01
N PRO A 374 -4.38 3.77 15.91
CA PRO A 374 -4.72 3.97 17.32
C PRO A 374 -4.84 5.43 17.73
N LEU A 375 -4.29 6.35 16.93
CA LEU A 375 -4.37 7.76 17.27
C LEU A 375 -5.75 8.37 17.00
N CYS A 376 -6.63 7.66 16.30
CA CYS A 376 -7.92 8.22 15.91
C CYS A 376 -9.04 7.76 16.84
N ASN A 377 -9.26 6.45 16.96
CA ASN A 377 -10.35 5.93 17.77
C ASN A 377 -9.85 5.38 19.09
N GLU A 378 -10.66 5.54 20.13
CA GLU A 378 -10.26 5.20 21.50
C GLU A 378 -10.27 3.70 21.75
N ASN A 379 -10.88 2.90 20.86
CA ASN A 379 -10.91 1.46 21.07
C ASN A 379 -9.51 0.86 20.95
N PHE A 380 -8.70 1.36 20.04
CA PHE A 380 -7.39 0.76 19.81
C PHE A 380 -6.41 1.11 20.93
N LYS A 381 -6.57 2.26 21.57
CA LYS A 381 -5.64 2.65 22.63
C LYS A 381 -5.71 1.67 23.80
N LYS A 382 -6.92 1.29 24.22
CA LYS A 382 -7.04 0.34 25.32
C LYS A 382 -6.57 -1.05 24.90
N THR A 383 -6.82 -1.44 23.65
CA THR A 383 -6.38 -2.74 23.19
C THR A 383 -4.86 -2.81 23.07
N PHE A 384 -4.20 -1.66 22.86
CA PHE A 384 -2.76 -1.61 22.76
C PHE A 384 -2.08 -1.51 24.13
N LYS A 385 -2.69 -0.79 25.06
CA LYS A 385 -2.04 -0.53 26.34
C LYS A 385 -1.77 -1.84 27.09
N ARG A 386 -2.75 -2.73 27.13
CA ARG A 386 -2.60 -3.99 27.87
C ARG A 386 -1.39 -4.76 27.36
#